data_8JDW
#
_entry.id   8JDW
#
_cell.length_a   83.760
_cell.length_b   83.760
_cell.length_c   199.950
_cell.angle_alpha   90.00
_cell.angle_beta   90.00
_cell.angle_gamma   90.00
#
_symmetry.space_group_name_H-M   'P 43 21 2'
#
loop_
_entity.id
_entity.type
_entity.pdbx_description
1 polymer 'PROTEIN (L-ARGININE:GLYCINE AMIDINOTRANSFERASE)'
2 non-polymer ALANINE
3 water water
#
_entity_poly.entity_id   1
_entity_poly.type   'polypeptide(L)'
_entity_poly.pdbx_seq_one_letter_code
;STQAATASSRNSCAADDKATEPLPKDCPVSSYNEWDPLEEVIVGRAENACVPPFTIEVKANTYEKYWPFYQKQGGHYFPK
DHLKKAVAEIEEMCNILKTEGVTVRRPDPIDWSLKYKTPDFESTGLYSAMPRDILIVVGNEIIEAPMAWRSRFFEYRAYR
SIIKDYFHRGAKWTTAPKPTMADELYNQDYPIHSVEDRHKLAAQGKFVTTEFEPCFDAADFIRAGRDIFAQRSQVTNYLG
IEWMRRHLAPDYRVHIISFKDPNPMHIDATFNIIGPGIVLSNPDRPCHQIDLFKKAGWTIITPPTPIIPDDHPLWMSSKW
LSMNVLMLDEKRVMVDANEVPIQKMFEKLGITTIKVNIRNANSLGGGFHCWTCDVRRRGTLQSYLD
;
_entity_poly.pdbx_strand_id   A
#
# COMPACT_ATOMS: atom_id res chain seq x y z
N CYS A 27 23.38 -6.61 -8.21
CA CYS A 27 22.75 -5.69 -7.21
C CYS A 27 21.50 -5.13 -7.84
N PRO A 28 20.57 -6.01 -8.22
CA PRO A 28 19.34 -5.53 -8.86
C PRO A 28 18.49 -4.69 -7.93
N VAL A 29 18.55 -5.01 -6.64
CA VAL A 29 17.76 -4.34 -5.63
C VAL A 29 18.52 -3.24 -4.94
N SER A 30 17.94 -2.05 -4.91
CA SER A 30 18.57 -0.91 -4.28
C SER A 30 17.63 0.27 -4.34
N SER A 31 16.93 0.56 -3.25
CA SER A 31 15.98 1.67 -3.20
C SER A 31 15.93 2.21 -1.76
N TYR A 32 16.19 3.51 -1.56
CA TYR A 32 16.16 4.08 -0.21
C TYR A 32 15.02 5.06 0.05
N ASN A 33 14.25 5.42 -0.97
CA ASN A 33 13.19 6.40 -0.78
C ASN A 33 12.19 6.24 -1.90
N GLU A 34 11.20 7.11 -1.93
CA GLU A 34 10.12 7.07 -2.92
C GLU A 34 10.30 7.92 -4.18
N TRP A 35 11.44 8.59 -4.33
CA TRP A 35 11.62 9.51 -5.46
C TRP A 35 12.87 9.45 -6.36
N ASP A 36 13.95 8.82 -5.92
CA ASP A 36 15.17 8.74 -6.76
C ASP A 36 14.79 8.13 -8.11
N PRO A 37 15.57 8.43 -9.15
CA PRO A 37 15.33 7.93 -10.51
C PRO A 37 15.04 6.45 -10.58
N LEU A 38 13.80 6.14 -10.96
CA LEU A 38 13.34 4.76 -11.04
C LEU A 38 13.94 3.95 -12.17
N GLU A 39 14.37 2.73 -11.84
CA GLU A 39 14.97 1.85 -12.81
C GLU A 39 14.30 0.50 -12.94
N GLU A 40 13.78 -0.04 -11.84
CA GLU A 40 13.11 -1.32 -11.93
C GLU A 40 11.93 -1.30 -10.98
N VAL A 41 10.84 -1.94 -11.38
CA VAL A 41 9.64 -1.95 -10.57
C VAL A 41 8.84 -3.23 -10.80
N ILE A 42 8.06 -3.64 -9.80
CA ILE A 42 7.20 -4.79 -9.92
C ILE A 42 5.81 -4.16 -9.97
N VAL A 43 4.99 -4.57 -10.94
CA VAL A 43 3.62 -4.07 -11.10
C VAL A 43 2.64 -5.25 -10.88
N GLY A 44 1.65 -5.07 -10.01
CA GLY A 44 0.70 -6.15 -9.75
C GLY A 44 -0.14 -6.67 -10.90
N ARG A 45 -1.03 -7.63 -10.59
CA ARG A 45 -1.95 -8.26 -11.54
C ARG A 45 -3.35 -8.24 -11.00
N ALA A 46 -4.32 -8.03 -11.89
CA ALA A 46 -5.71 -8.04 -11.51
C ALA A 46 -6.33 -9.41 -11.77
N GLU A 47 -5.62 -10.27 -12.50
CA GLU A 47 -6.14 -11.59 -12.83
C GLU A 47 -6.56 -12.48 -11.65
N ASN A 48 -7.75 -13.08 -11.79
CA ASN A 48 -8.32 -14.01 -10.81
C ASN A 48 -8.53 -13.48 -9.40
N ALA A 49 -8.67 -12.17 -9.27
CA ALA A 49 -8.90 -11.54 -7.99
C ALA A 49 -10.22 -12.04 -7.44
N CYS A 50 -10.24 -12.41 -6.15
CA CYS A 50 -11.44 -12.89 -5.50
C CYS A 50 -11.87 -12.00 -4.35
N VAL A 51 -13.19 -11.87 -4.20
CA VAL A 51 -13.77 -11.08 -3.13
C VAL A 51 -13.41 -11.90 -1.89
N PRO A 52 -12.80 -11.25 -0.89
CA PRO A 52 -12.44 -12.00 0.32
C PRO A 52 -13.64 -12.33 1.18
N PRO A 53 -13.58 -13.45 1.91
CA PRO A 53 -14.70 -13.81 2.77
C PRO A 53 -14.94 -12.62 3.71
N PHE A 54 -16.20 -12.38 4.06
CA PHE A 54 -16.57 -11.26 4.89
C PHE A 54 -16.36 -11.52 6.39
N THR A 55 -15.11 -11.50 6.80
CA THR A 55 -14.78 -11.71 8.18
C THR A 55 -14.55 -10.34 8.82
N ILE A 56 -14.45 -10.31 10.14
CA ILE A 56 -14.28 -9.09 10.92
C ILE A 56 -13.26 -8.08 10.40
N GLU A 57 -12.06 -8.54 10.02
CA GLU A 57 -11.03 -7.62 9.55
C GLU A 57 -11.40 -7.03 8.20
N VAL A 58 -12.14 -7.78 7.40
CA VAL A 58 -12.59 -7.28 6.09
C VAL A 58 -13.68 -6.25 6.36
N LYS A 59 -14.62 -6.58 7.24
CA LYS A 59 -15.71 -5.67 7.59
C LYS A 59 -15.18 -4.34 8.15
N ALA A 60 -14.13 -4.41 8.95
CA ALA A 60 -13.56 -3.22 9.51
C ALA A 60 -12.97 -2.30 8.46
N ASN A 61 -12.87 -2.75 7.21
CA ASN A 61 -12.32 -1.90 6.13
C ASN A 61 -13.33 -1.53 5.05
N THR A 62 -14.42 -2.26 4.98
CA THR A 62 -15.40 -2.00 3.97
C THR A 62 -16.37 -0.88 4.32
N TYR A 63 -16.61 0.01 3.36
CA TYR A 63 -17.56 1.09 3.56
C TYR A 63 -18.93 0.39 3.55
N GLU A 64 -19.80 0.78 4.47
CA GLU A 64 -21.14 0.20 4.59
C GLU A 64 -21.76 -0.11 3.23
N LYS A 65 -21.58 0.82 2.30
CA LYS A 65 -22.10 0.72 0.95
C LYS A 65 -21.83 -0.63 0.27
N TYR A 66 -20.69 -1.25 0.57
CA TYR A 66 -20.36 -2.51 -0.08
C TYR A 66 -20.61 -3.78 0.70
N TRP A 67 -21.00 -3.65 1.97
CA TRP A 67 -21.24 -4.85 2.78
C TRP A 67 -22.09 -5.92 2.11
N PRO A 68 -23.14 -5.53 1.35
CA PRO A 68 -23.99 -6.52 0.68
C PRO A 68 -23.24 -7.24 -0.43
N PHE A 69 -22.33 -6.52 -1.08
CA PHE A 69 -21.50 -7.06 -2.17
C PHE A 69 -20.60 -8.12 -1.55
N TYR A 70 -19.92 -7.75 -0.47
CA TYR A 70 -19.03 -8.67 0.21
C TYR A 70 -19.78 -9.86 0.74
N GLN A 71 -20.98 -9.62 1.27
CA GLN A 71 -21.80 -10.69 1.80
C GLN A 71 -22.22 -11.70 0.75
N LYS A 72 -22.54 -11.23 -0.45
CA LYS A 72 -22.96 -12.12 -1.51
C LYS A 72 -21.86 -12.65 -2.43
N GLN A 73 -20.81 -11.86 -2.61
CA GLN A 73 -19.71 -12.22 -3.49
C GLN A 73 -18.50 -12.93 -2.89
N GLY A 74 -18.33 -12.85 -1.57
CA GLY A 74 -17.20 -13.48 -0.92
C GLY A 74 -16.89 -14.86 -1.43
N GLY A 75 -15.63 -15.12 -1.76
CA GLY A 75 -15.25 -16.41 -2.28
C GLY A 75 -15.36 -16.54 -3.78
N HIS A 76 -15.98 -15.56 -4.42
CA HIS A 76 -16.13 -15.56 -5.88
C HIS A 76 -15.21 -14.50 -6.44
N TYR A 77 -14.96 -14.58 -7.73
CA TYR A 77 -14.11 -13.61 -8.40
C TYR A 77 -14.79 -12.27 -8.43
N PHE A 78 -14.01 -11.20 -8.49
CA PHE A 78 -14.57 -9.87 -8.62
C PHE A 78 -15.19 -9.88 -10.05
N PRO A 79 -16.15 -8.96 -10.34
CA PRO A 79 -16.77 -8.93 -11.67
C PRO A 79 -15.75 -9.05 -12.82
N LYS A 80 -15.84 -10.16 -13.55
CA LYS A 80 -14.92 -10.45 -14.64
C LYS A 80 -14.86 -9.38 -15.72
N ASP A 81 -15.99 -8.79 -16.03
CA ASP A 81 -16.06 -7.71 -17.01
C ASP A 81 -15.24 -6.53 -16.48
N HIS A 82 -15.31 -6.28 -15.19
CA HIS A 82 -14.56 -5.21 -14.57
C HIS A 82 -13.06 -5.56 -14.53
N LEU A 83 -12.74 -6.82 -14.22
CA LEU A 83 -11.35 -7.23 -14.15
C LEU A 83 -10.65 -7.05 -15.48
N LYS A 84 -11.36 -7.37 -16.56
CA LYS A 84 -10.83 -7.24 -17.91
C LYS A 84 -10.39 -5.81 -18.25
N LYS A 85 -11.16 -4.81 -17.81
CA LYS A 85 -10.81 -3.40 -18.06
C LYS A 85 -9.57 -3.02 -17.24
N ALA A 86 -9.47 -3.56 -16.03
CA ALA A 86 -8.33 -3.35 -15.14
C ALA A 86 -7.07 -3.93 -15.78
N VAL A 87 -7.17 -5.12 -16.36
CA VAL A 87 -6.04 -5.76 -17.03
C VAL A 87 -5.48 -4.88 -18.15
N ALA A 88 -6.37 -4.37 -19.00
CA ALA A 88 -5.98 -3.50 -20.11
C ALA A 88 -5.28 -2.22 -19.61
N GLU A 89 -5.85 -1.62 -18.57
CA GLU A 89 -5.30 -0.40 -17.96
C GLU A 89 -3.91 -0.62 -17.42
N ILE A 90 -3.71 -1.74 -16.73
CA ILE A 90 -2.39 -2.05 -16.17
C ILE A 90 -1.39 -2.42 -17.25
N GLU A 91 -1.86 -3.01 -18.34
CA GLU A 91 -0.95 -3.37 -19.44
C GLU A 91 -0.44 -2.10 -20.05
N GLU A 92 -1.34 -1.13 -20.23
CA GLU A 92 -0.95 0.16 -20.79
C GLU A 92 0.05 0.85 -19.86
N MET A 93 -0.26 0.84 -18.56
CA MET A 93 0.64 1.43 -17.56
C MET A 93 2.03 0.79 -17.69
N CYS A 94 2.10 -0.52 -17.91
CA CYS A 94 3.41 -1.15 -18.05
C CYS A 94 4.08 -0.69 -19.33
N ASN A 95 3.32 -0.48 -20.39
CA ASN A 95 3.93 -0.01 -21.65
C ASN A 95 4.54 1.35 -21.42
N ILE A 96 3.80 2.22 -20.75
CA ILE A 96 4.32 3.57 -20.48
C ILE A 96 5.57 3.51 -19.60
N LEU A 97 5.58 2.63 -18.61
CA LEU A 97 6.74 2.49 -17.73
C LEU A 97 7.97 2.11 -18.54
N LYS A 98 7.81 1.19 -19.48
CA LYS A 98 8.93 0.75 -20.32
C LYS A 98 9.39 1.90 -21.19
N THR A 99 8.44 2.65 -21.69
CA THR A 99 8.70 3.82 -22.50
C THR A 99 9.52 4.79 -21.67
N GLU A 100 9.18 4.92 -20.39
CA GLU A 100 9.90 5.82 -19.52
C GLU A 100 11.22 5.23 -19.02
N GLY A 101 11.69 4.17 -19.66
CA GLY A 101 12.95 3.55 -19.28
C GLY A 101 12.99 2.63 -18.06
N VAL A 102 11.84 2.27 -17.51
CA VAL A 102 11.78 1.40 -16.33
C VAL A 102 11.60 -0.07 -16.68
N THR A 103 12.39 -0.94 -16.07
CA THR A 103 12.27 -2.38 -16.26
C THR A 103 11.08 -2.86 -15.39
N VAL A 104 10.15 -3.57 -15.99
CA VAL A 104 8.95 -4.05 -15.30
C VAL A 104 8.90 -5.56 -15.09
N ARG A 105 8.60 -5.98 -13.87
CA ARG A 105 8.45 -7.42 -13.53
C ARG A 105 7.01 -7.55 -13.10
N ARG A 106 6.44 -8.74 -13.29
CA ARG A 106 5.06 -9.00 -12.94
C ARG A 106 5.00 -10.30 -12.14
N PRO A 107 4.11 -10.38 -11.15
CA PRO A 107 3.97 -11.59 -10.35
C PRO A 107 3.44 -12.71 -11.22
N ASP A 108 3.50 -13.94 -10.71
CA ASP A 108 3.02 -15.10 -11.43
C ASP A 108 1.51 -15.12 -11.36
N PRO A 109 0.85 -15.57 -12.43
CA PRO A 109 -0.62 -15.66 -12.46
C PRO A 109 -0.99 -16.81 -11.54
N ILE A 110 -1.99 -16.59 -10.70
CA ILE A 110 -2.42 -17.60 -9.74
C ILE A 110 -3.94 -17.51 -9.62
N ASP A 111 -4.58 -18.65 -9.36
CA ASP A 111 -6.02 -18.66 -9.16
C ASP A 111 -6.23 -18.37 -7.68
N TRP A 112 -6.73 -17.21 -7.35
CA TRP A 112 -6.93 -16.84 -5.96
C TRP A 112 -8.16 -17.46 -5.28
N SER A 113 -8.92 -18.25 -6.02
CA SER A 113 -10.13 -18.84 -5.46
C SER A 113 -9.87 -20.11 -4.64
N LEU A 114 -8.68 -20.69 -4.78
CA LEU A 114 -8.32 -21.90 -4.04
C LEU A 114 -8.44 -21.69 -2.55
N LYS A 115 -9.18 -22.59 -1.90
CA LYS A 115 -9.38 -22.54 -0.48
C LYS A 115 -8.23 -23.29 0.21
N TYR A 116 -7.63 -22.68 1.21
CA TYR A 116 -6.55 -23.32 1.94
C TYR A 116 -6.95 -23.41 3.40
N LYS A 117 -6.20 -24.21 4.15
CA LYS A 117 -6.52 -24.44 5.54
C LYS A 117 -5.27 -24.57 6.39
N THR A 118 -5.09 -23.67 7.35
CA THR A 118 -3.94 -23.77 8.24
C THR A 118 -4.57 -24.36 9.51
N PRO A 119 -3.75 -24.75 10.51
CA PRO A 119 -4.36 -25.31 11.72
C PRO A 119 -5.21 -24.29 12.47
N ASP A 120 -5.09 -23.00 12.10
CA ASP A 120 -5.81 -21.91 12.75
C ASP A 120 -7.08 -21.39 12.07
N PHE A 121 -7.18 -21.52 10.75
CA PHE A 121 -8.34 -21.02 10.03
C PHE A 121 -8.35 -21.59 8.62
N GLU A 122 -9.42 -21.29 7.91
CA GLU A 122 -9.62 -21.73 6.54
C GLU A 122 -10.03 -20.48 5.74
N SER A 123 -9.63 -20.40 4.47
CA SER A 123 -9.99 -19.22 3.68
C SER A 123 -9.65 -19.34 2.21
N THR A 124 -10.23 -18.45 1.41
CA THR A 124 -9.93 -18.35 -0.01
C THR A 124 -9.00 -17.10 -0.08
N GLY A 125 -8.27 -16.92 -1.18
CA GLY A 125 -7.35 -15.81 -1.31
C GLY A 125 -7.97 -14.54 -1.86
N LEU A 126 -7.14 -13.51 -2.02
CA LEU A 126 -7.57 -12.20 -2.54
C LEU A 126 -7.03 -11.96 -3.96
N TYR A 127 -5.77 -11.52 -4.06
CA TYR A 127 -5.16 -11.23 -5.36
C TYR A 127 -3.69 -10.88 -5.15
N SER A 128 -3.03 -10.44 -6.21
CA SER A 128 -1.64 -9.99 -6.11
C SER A 128 -1.60 -8.69 -6.93
N ALA A 129 -2.63 -7.88 -6.74
CA ALA A 129 -2.77 -6.62 -7.44
C ALA A 129 -1.88 -5.56 -6.83
N MET A 130 -1.66 -5.64 -5.52
CA MET A 130 -0.89 -4.62 -4.84
C MET A 130 0.47 -5.04 -4.26
N PRO A 131 1.54 -4.93 -5.06
CA PRO A 131 2.87 -5.30 -4.57
C PRO A 131 3.25 -4.47 -3.34
N ARG A 132 2.80 -3.22 -3.29
CA ARG A 132 3.14 -2.31 -2.19
C ARG A 132 2.63 -2.80 -0.85
N ASP A 133 1.56 -3.57 -0.86
CA ASP A 133 0.98 -4.11 0.35
C ASP A 133 1.82 -5.19 1.01
N ILE A 134 2.57 -5.93 0.22
CA ILE A 134 3.35 -7.06 0.72
C ILE A 134 4.87 -6.97 0.65
N LEU A 135 5.40 -6.12 -0.23
CA LEU A 135 6.85 -5.99 -0.38
C LEU A 135 7.33 -4.57 -0.17
N ILE A 136 8.43 -4.42 0.57
CA ILE A 136 9.03 -3.12 0.78
C ILE A 136 10.52 -3.37 0.60
N VAL A 137 11.18 -2.45 -0.09
CA VAL A 137 12.61 -2.54 -0.33
C VAL A 137 13.30 -1.46 0.51
N VAL A 138 14.25 -1.87 1.34
CA VAL A 138 15.02 -0.96 2.17
C VAL A 138 16.48 -1.25 1.83
N GLY A 139 17.09 -0.37 1.05
CA GLY A 139 18.46 -0.59 0.64
C GLY A 139 18.52 -1.73 -0.36
N ASN A 140 19.32 -2.75 -0.06
CA ASN A 140 19.47 -3.89 -0.94
C ASN A 140 18.69 -5.08 -0.42
N GLU A 141 17.76 -4.82 0.49
CA GLU A 141 16.99 -5.86 1.10
C GLU A 141 15.51 -5.80 0.74
N ILE A 142 14.96 -6.92 0.30
CA ILE A 142 13.55 -6.99 -0.03
C ILE A 142 12.91 -7.71 1.16
N ILE A 143 11.85 -7.14 1.71
CA ILE A 143 11.16 -7.64 2.88
C ILE A 143 9.71 -7.99 2.57
N GLU A 144 9.30 -9.20 2.92
CA GLU A 144 7.93 -9.64 2.70
C GLU A 144 7.17 -9.41 4.01
N ALA A 145 6.15 -8.58 3.96
CA ALA A 145 5.31 -8.28 5.11
C ALA A 145 4.55 -9.53 5.49
N PRO A 146 4.13 -9.66 6.76
CA PRO A 146 3.38 -10.84 7.24
C PRO A 146 1.90 -10.84 6.83
N MET A 147 1.34 -9.64 6.66
CA MET A 147 -0.05 -9.40 6.33
C MET A 147 -0.87 -9.58 7.59
N ALA A 148 -2.15 -9.23 7.54
CA ALA A 148 -3.03 -9.34 8.69
C ALA A 148 -4.39 -9.92 8.33
N TRP A 149 -4.65 -10.09 7.04
CA TRP A 149 -5.92 -10.62 6.54
C TRP A 149 -5.76 -12.10 6.25
N ARG A 150 -6.75 -12.90 6.67
CA ARG A 150 -6.70 -14.33 6.43
C ARG A 150 -6.67 -14.66 4.95
N SER A 151 -7.37 -13.84 4.16
CA SER A 151 -7.42 -14.03 2.71
C SER A 151 -6.11 -13.63 2.00
N ARG A 152 -5.12 -13.13 2.75
CA ARG A 152 -3.85 -12.70 2.16
C ARG A 152 -2.66 -13.48 2.71
N PHE A 153 -2.96 -14.54 3.45
CA PHE A 153 -1.93 -15.36 4.07
C PHE A 153 -0.91 -15.92 3.09
N PHE A 154 -1.37 -16.41 1.96
CA PHE A 154 -0.48 -17.00 0.97
C PHE A 154 -0.26 -16.08 -0.24
N GLU A 155 -0.35 -14.78 -0.04
CA GLU A 155 -0.19 -13.86 -1.16
C GLU A 155 1.26 -13.80 -1.68
N TYR A 156 2.22 -14.09 -0.81
CA TYR A 156 3.64 -14.11 -1.19
C TYR A 156 3.98 -15.12 -2.30
N ARG A 157 3.18 -16.16 -2.43
CA ARG A 157 3.44 -17.16 -3.45
C ARG A 157 3.55 -16.62 -4.88
N ALA A 158 2.86 -15.52 -5.16
CA ALA A 158 2.89 -14.90 -6.50
C ALA A 158 4.20 -14.18 -6.81
N TYR A 159 4.92 -13.75 -5.78
CA TYR A 159 6.17 -13.01 -5.98
C TYR A 159 7.46 -13.80 -5.80
N ARG A 160 7.38 -15.06 -5.38
CA ARG A 160 8.60 -15.85 -5.16
C ARG A 160 9.52 -16.02 -6.35
N SER A 161 8.97 -16.20 -7.56
CA SER A 161 9.84 -16.38 -8.74
C SER A 161 10.70 -15.13 -8.90
N ILE A 162 10.10 -13.96 -8.72
CA ILE A 162 10.85 -12.70 -8.83
C ILE A 162 11.90 -12.56 -7.72
N ILE A 163 11.47 -12.78 -6.47
CA ILE A 163 12.36 -12.65 -5.34
C ILE A 163 13.55 -13.60 -5.37
N LYS A 164 13.34 -14.86 -5.78
CA LYS A 164 14.46 -15.81 -5.84
C LYS A 164 15.49 -15.39 -6.87
N ASP A 165 15.03 -14.77 -7.95
CA ASP A 165 15.92 -14.28 -9.00
C ASP A 165 16.79 -13.16 -8.43
N TYR A 166 16.19 -12.23 -7.69
CA TYR A 166 16.97 -11.16 -7.09
C TYR A 166 17.95 -11.72 -6.09
N PHE A 167 17.50 -12.70 -5.31
CA PHE A 167 18.35 -13.37 -4.31
C PHE A 167 19.55 -14.01 -5.01
N HIS A 168 19.29 -14.80 -6.04
CA HIS A 168 20.38 -15.42 -6.80
C HIS A 168 21.34 -14.35 -7.29
N ARG A 169 20.82 -13.15 -7.58
CA ARG A 169 21.64 -12.06 -8.08
C ARG A 169 22.28 -11.18 -7.04
N GLY A 170 22.16 -11.59 -5.78
CA GLY A 170 22.80 -10.86 -4.70
C GLY A 170 21.99 -10.04 -3.71
N ALA A 171 20.69 -9.95 -3.89
CA ALA A 171 19.90 -9.15 -2.96
C ALA A 171 19.65 -9.87 -1.62
N LYS A 172 19.41 -9.10 -0.56
CA LYS A 172 19.09 -9.70 0.74
C LYS A 172 17.59 -9.96 0.68
N TRP A 173 17.15 -11.01 1.35
CA TRP A 173 15.76 -11.41 1.33
C TRP A 173 15.31 -11.72 2.74
N THR A 174 14.26 -11.05 3.18
CA THR A 174 13.73 -11.20 4.50
C THR A 174 12.22 -11.40 4.51
N THR A 175 11.73 -12.33 5.34
CA THR A 175 10.30 -12.54 5.48
C THR A 175 10.05 -12.31 6.97
N ALA A 176 9.25 -11.29 7.30
CA ALA A 176 8.89 -10.99 8.68
C ALA A 176 8.08 -12.17 9.17
N PRO A 177 8.05 -12.41 10.49
CA PRO A 177 7.29 -13.54 11.04
C PRO A 177 5.83 -13.58 10.63
N LYS A 178 5.48 -14.63 9.91
CA LYS A 178 4.13 -14.86 9.45
C LYS A 178 3.28 -15.21 10.67
N PRO A 179 2.17 -14.47 10.90
CA PRO A 179 1.27 -14.68 12.02
C PRO A 179 0.44 -15.95 11.90
N THR A 180 -0.09 -16.42 13.04
CA THR A 180 -0.96 -17.58 13.03
C THR A 180 -2.34 -17.11 12.51
N MET A 181 -2.65 -15.84 12.77
CA MET A 181 -3.92 -15.22 12.41
C MET A 181 -5.08 -15.99 13.07
N ALA A 182 -4.82 -16.46 14.28
CA ALA A 182 -5.83 -17.19 15.04
C ALA A 182 -6.81 -16.13 15.53
N ASP A 183 -7.95 -16.57 16.05
CA ASP A 183 -8.97 -15.64 16.54
C ASP A 183 -8.43 -14.57 17.47
N GLU A 184 -7.43 -14.92 18.28
CA GLU A 184 -6.86 -13.96 19.22
C GLU A 184 -6.24 -12.72 18.58
N LEU A 185 -5.96 -12.76 17.27
CA LEU A 185 -5.35 -11.60 16.63
C LEU A 185 -6.41 -10.54 16.36
N TYR A 186 -7.68 -10.93 16.37
CA TYR A 186 -8.78 -10.02 16.06
C TYR A 186 -9.75 -9.72 17.20
N ASN A 187 -10.24 -8.50 17.20
CA ASN A 187 -11.20 -8.06 18.20
C ASN A 187 -12.52 -8.44 17.58
N GLN A 188 -12.99 -9.63 17.88
CA GLN A 188 -14.23 -10.10 17.29
C GLN A 188 -15.44 -9.24 17.62
N ASP A 189 -15.27 -8.35 18.59
CA ASP A 189 -16.36 -7.46 19.02
C ASP A 189 -16.08 -5.98 18.72
N TYR A 190 -15.32 -5.72 17.67
CA TYR A 190 -15.00 -4.38 17.26
C TYR A 190 -16.33 -3.79 16.75
N PRO A 191 -16.64 -2.51 17.07
CA PRO A 191 -17.87 -1.83 16.65
C PRO A 191 -17.84 -1.41 15.17
N ILE A 192 -17.43 -2.32 14.31
CA ILE A 192 -17.31 -2.08 12.87
C ILE A 192 -18.58 -1.52 12.26
N HIS A 193 -19.71 -1.99 12.78
CA HIS A 193 -21.08 -1.67 12.33
C HIS A 193 -21.47 -0.19 12.23
N SER A 194 -20.47 0.68 12.08
CA SER A 194 -20.64 2.11 12.01
C SER A 194 -20.92 2.54 13.44
N VAL A 195 -20.20 3.56 13.86
CA VAL A 195 -20.33 4.09 15.21
C VAL A 195 -19.31 5.21 15.22
N GLU A 196 -18.29 5.05 14.39
CA GLU A 196 -17.21 6.01 14.26
C GLU A 196 -16.37 6.33 15.50
N ASP A 197 -16.81 5.89 16.68
CA ASP A 197 -16.03 6.10 17.91
C ASP A 197 -14.77 5.24 17.78
N ARG A 198 -14.66 4.57 16.63
CA ARG A 198 -13.49 3.77 16.26
C ARG A 198 -12.38 4.79 16.38
N HIS A 199 -12.78 6.05 16.21
CA HIS A 199 -11.93 7.21 16.32
C HIS A 199 -11.33 7.27 17.74
N LYS A 200 -12.15 7.03 18.75
CA LYS A 200 -11.69 7.05 20.15
C LYS A 200 -10.72 5.88 20.37
N LEU A 201 -11.08 4.73 19.85
CA LEU A 201 -10.27 3.54 19.96
C LEU A 201 -9.02 3.87 19.19
N ALA A 202 -9.22 4.46 18.02
CA ALA A 202 -8.13 4.87 17.14
C ALA A 202 -7.27 5.85 17.91
N ALA A 203 -7.93 6.68 18.72
CA ALA A 203 -7.27 7.69 19.55
C ALA A 203 -6.40 6.99 20.59
N GLN A 204 -6.86 5.80 21.01
CA GLN A 204 -6.17 4.98 21.99
C GLN A 204 -5.17 4.00 21.34
N GLY A 205 -5.19 3.93 20.01
CA GLY A 205 -4.32 3.01 19.30
C GLY A 205 -4.99 1.63 19.34
N LYS A 206 -6.33 1.64 19.42
CA LYS A 206 -7.14 0.44 19.48
C LYS A 206 -7.96 0.15 18.21
N PHE A 207 -7.58 -0.92 17.52
CA PHE A 207 -8.20 -1.32 16.26
C PHE A 207 -8.73 -2.75 16.20
N VAL A 208 -9.05 -3.24 15.00
CA VAL A 208 -9.58 -4.59 14.84
C VAL A 208 -8.51 -5.64 15.16
N THR A 209 -7.23 -5.29 14.97
CA THR A 209 -6.16 -6.23 15.28
C THR A 209 -5.60 -5.94 16.66
N THR A 210 -5.43 -6.99 17.45
CA THR A 210 -4.90 -6.90 18.79
C THR A 210 -3.38 -6.92 18.71
N GLU A 211 -2.77 -7.02 19.87
CA GLU A 211 -1.32 -7.10 19.96
C GLU A 211 -0.93 -8.53 20.28
N PHE A 212 -1.75 -9.48 19.85
CA PHE A 212 -1.50 -10.89 20.09
C PHE A 212 -0.18 -11.41 19.53
N GLU A 213 0.15 -10.96 18.32
CA GLU A 213 1.37 -11.38 17.63
C GLU A 213 1.62 -10.30 16.58
N PRO A 214 2.85 -10.17 16.07
CA PRO A 214 3.17 -9.15 15.07
C PRO A 214 2.45 -9.33 13.73
N CYS A 215 1.96 -8.22 13.18
CA CYS A 215 1.31 -8.21 11.88
C CYS A 215 1.42 -6.83 11.27
N PHE A 216 1.48 -6.78 9.95
CA PHE A 216 1.57 -5.53 9.22
C PHE A 216 1.52 -5.69 7.71
N ASP A 217 1.08 -4.62 7.04
CA ASP A 217 1.08 -4.58 5.58
C ASP A 217 2.26 -3.64 5.32
N ALA A 218 3.05 -3.91 4.30
CA ALA A 218 4.20 -3.05 4.08
C ALA A 218 3.81 -1.63 3.69
N ALA A 219 2.61 -1.46 3.12
CA ALA A 219 2.14 -0.15 2.70
C ALA A 219 1.88 0.84 3.84
N ASP A 220 2.02 0.36 5.07
CA ASP A 220 1.82 1.23 6.24
C ASP A 220 3.14 1.88 6.58
N PHE A 221 4.17 1.63 5.77
CA PHE A 221 5.50 2.21 5.97
C PHE A 221 5.83 3.03 4.73
N ILE A 222 6.45 4.19 4.91
CA ILE A 222 6.81 5.03 3.77
C ILE A 222 8.26 5.47 4.02
N ARG A 223 9.10 5.41 2.99
CA ARG A 223 10.51 5.68 3.12
C ARG A 223 11.05 7.03 2.69
N ALA A 224 11.97 7.55 3.51
CA ALA A 224 12.66 8.80 3.27
C ALA A 224 14.12 8.60 3.72
N GLY A 225 14.82 7.66 3.08
CA GLY A 225 16.22 7.39 3.41
C GLY A 225 16.43 6.71 4.76
N ARG A 226 17.16 7.38 5.66
CA ARG A 226 17.43 6.83 6.99
C ARG A 226 16.22 6.82 7.90
N ASP A 227 15.16 7.50 7.50
CA ASP A 227 13.96 7.56 8.31
C ASP A 227 12.78 6.95 7.59
N ILE A 228 12.08 6.07 8.27
CA ILE A 228 10.93 5.39 7.73
C ILE A 228 9.81 5.75 8.67
N PHE A 229 8.66 6.07 8.12
CA PHE A 229 7.52 6.46 8.91
C PHE A 229 6.46 5.38 8.81
N ALA A 230 5.90 5.02 9.94
CA ALA A 230 4.89 3.96 10.00
C ALA A 230 3.66 4.42 10.78
N GLN A 231 2.51 3.82 10.51
CA GLN A 231 1.31 4.17 11.23
C GLN A 231 0.68 2.89 11.80
N ARG A 232 0.18 2.95 13.04
CA ARG A 232 -0.48 1.79 13.60
C ARG A 232 -1.83 1.88 12.93
N SER A 233 -2.24 0.81 12.27
CA SER A 233 -3.50 0.82 11.57
C SER A 233 -4.33 -0.43 11.88
N GLN A 234 -5.39 -0.63 11.11
CA GLN A 234 -6.25 -1.79 11.29
C GLN A 234 -5.49 -3.10 11.05
N VAL A 235 -4.48 -3.05 10.18
CA VAL A 235 -3.69 -4.24 9.83
C VAL A 235 -2.23 -4.22 10.32
N THR A 236 -1.77 -3.10 10.84
CA THR A 236 -0.40 -2.96 11.33
C THR A 236 -0.43 -2.62 12.82
N ASN A 237 0.00 -3.56 13.66
CA ASN A 237 0.01 -3.33 15.11
C ASN A 237 1.37 -2.85 15.62
N TYR A 238 1.40 -2.41 16.88
CA TYR A 238 2.66 -1.92 17.47
C TYR A 238 3.75 -2.97 17.50
N LEU A 239 3.36 -4.22 17.72
CA LEU A 239 4.31 -5.32 17.73
C LEU A 239 4.97 -5.43 16.35
N GLY A 240 4.15 -5.31 15.29
CA GLY A 240 4.64 -5.38 13.93
C GLY A 240 5.60 -4.25 13.65
N ILE A 241 5.26 -3.05 14.09
CA ILE A 241 6.14 -1.88 13.89
C ILE A 241 7.46 -2.05 14.66
N GLU A 242 7.36 -2.58 15.89
CA GLU A 242 8.55 -2.79 16.72
C GLU A 242 9.45 -3.83 16.07
N TRP A 243 8.85 -4.82 15.42
CA TRP A 243 9.66 -5.83 14.72
C TRP A 243 10.48 -5.16 13.61
N MET A 244 9.84 -4.27 12.83
CA MET A 244 10.54 -3.55 11.75
C MET A 244 11.65 -2.67 12.31
N ARG A 245 11.34 -1.95 13.38
CA ARG A 245 12.28 -1.06 14.05
C ARG A 245 13.52 -1.83 14.54
N ARG A 246 13.29 -2.95 15.22
CA ARG A 246 14.37 -3.76 15.76
C ARG A 246 15.19 -4.41 14.66
N HIS A 247 14.50 -4.83 13.60
CA HIS A 247 15.17 -5.47 12.48
C HIS A 247 16.04 -4.52 11.65
N LEU A 248 15.61 -3.27 11.54
CA LEU A 248 16.33 -2.28 10.73
C LEU A 248 17.39 -1.46 11.44
N ALA A 249 17.24 -1.32 12.75
CA ALA A 249 18.21 -0.58 13.55
C ALA A 249 19.57 -1.24 13.38
N PRO A 250 20.66 -0.47 13.47
CA PRO A 250 20.68 0.98 13.73
C PRO A 250 20.74 1.89 12.48
N ASP A 251 20.89 1.30 11.29
CA ASP A 251 20.98 2.09 10.06
C ASP A 251 19.75 2.93 9.74
N TYR A 252 18.57 2.40 10.05
CA TYR A 252 17.33 3.11 9.78
C TYR A 252 16.59 3.35 11.06
N ARG A 253 15.85 4.45 11.10
CA ARG A 253 15.04 4.79 12.25
C ARG A 253 13.60 4.70 11.75
N VAL A 254 12.75 4.00 12.51
CA VAL A 254 11.34 3.83 12.16
C VAL A 254 10.55 4.69 13.13
N HIS A 255 9.81 5.67 12.62
CA HIS A 255 9.02 6.59 13.44
C HIS A 255 7.54 6.30 13.29
N ILE A 256 6.79 6.42 14.39
CA ILE A 256 5.35 6.17 14.34
C ILE A 256 4.67 7.51 14.29
N ILE A 257 3.76 7.67 13.34
CA ILE A 257 3.02 8.92 13.23
C ILE A 257 1.56 8.53 13.14
N SER A 258 0.66 9.43 13.49
CA SER A 258 -0.76 9.13 13.46
C SER A 258 -1.50 10.26 12.78
N PHE A 259 -2.71 9.96 12.36
CA PHE A 259 -3.52 10.93 11.63
C PHE A 259 -4.96 10.82 12.13
N LYS A 260 -5.78 11.82 11.79
CA LYS A 260 -7.20 11.82 12.11
C LYS A 260 -7.78 10.90 11.03
N ASP A 261 -7.97 9.62 11.34
CA ASP A 261 -8.46 8.62 10.39
C ASP A 261 -9.04 7.43 11.17
N PRO A 262 -10.39 7.21 11.09
CA PRO A 262 -11.13 6.13 11.78
C PRO A 262 -11.05 4.76 11.07
N ASN A 263 -10.40 4.69 9.92
CA ASN A 263 -10.28 3.42 9.22
C ASN A 263 -8.96 3.31 8.40
N PRO A 264 -7.83 3.46 9.09
CA PRO A 264 -6.56 3.37 8.38
C PRO A 264 -6.18 1.94 7.97
N MET A 265 -5.55 1.86 6.80
CA MET A 265 -5.03 0.64 6.25
C MET A 265 -4.18 1.21 5.13
N HIS A 266 -2.87 1.29 5.38
CA HIS A 266 -1.89 1.82 4.44
C HIS A 266 -1.76 3.33 4.64
N ILE A 267 -0.55 3.83 4.47
CA ILE A 267 -0.27 5.24 4.69
C ILE A 267 -0.13 6.12 3.45
N ASP A 268 0.01 5.49 2.28
CA ASP A 268 0.21 6.19 0.99
C ASP A 268 -0.90 6.97 0.29
N ALA A 269 -2.09 7.05 0.90
CA ALA A 269 -3.20 7.84 0.37
C ALA A 269 -3.55 8.81 1.53
N THR A 270 -2.57 9.04 2.39
CA THR A 270 -2.74 9.89 3.56
C THR A 270 -1.52 10.79 3.70
N PHE A 271 -0.33 10.21 3.56
CA PHE A 271 0.91 10.96 3.74
C PHE A 271 1.87 10.35 2.71
N ASN A 272 1.86 10.88 1.48
CA ASN A 272 2.72 10.37 0.41
C ASN A 272 3.94 11.27 0.21
N ILE A 273 5.13 10.77 0.53
CA ILE A 273 6.36 11.55 0.40
C ILE A 273 6.82 11.49 -1.07
N ILE A 274 6.90 12.66 -1.71
CA ILE A 274 7.24 12.76 -3.14
C ILE A 274 8.59 13.36 -3.53
N GLY A 275 9.40 13.70 -2.54
CA GLY A 275 10.69 14.27 -2.83
C GLY A 275 11.36 14.51 -1.50
N PRO A 276 12.61 14.93 -1.51
CA PRO A 276 13.37 15.19 -0.28
C PRO A 276 12.74 16.36 0.47
N GLY A 277 12.06 16.12 1.57
CA GLY A 277 11.45 17.21 2.29
C GLY A 277 10.14 17.73 1.71
N ILE A 278 9.47 16.93 0.89
CA ILE A 278 8.20 17.34 0.29
C ILE A 278 7.21 16.23 0.50
N VAL A 279 6.06 16.57 1.04
CA VAL A 279 5.06 15.56 1.30
C VAL A 279 3.65 16.03 0.93
N LEU A 280 2.86 15.09 0.42
CA LEU A 280 1.48 15.32 0.08
C LEU A 280 0.70 14.86 1.30
N SER A 281 -0.05 15.77 1.92
CA SER A 281 -0.82 15.45 3.11
C SER A 281 -2.30 15.56 2.80
N ASN A 282 -3.02 14.48 3.04
CA ASN A 282 -4.44 14.40 2.80
C ASN A 282 -5.16 15.36 3.75
N PRO A 283 -5.88 16.36 3.19
CA PRO A 283 -6.62 17.37 3.95
C PRO A 283 -7.63 16.79 4.93
N ASP A 284 -8.17 15.63 4.62
CA ASP A 284 -9.15 14.99 5.51
C ASP A 284 -8.48 14.18 6.63
N ARG A 285 -7.20 13.84 6.47
CA ARG A 285 -6.49 13.05 7.46
C ARG A 285 -5.23 13.75 7.93
N PRO A 286 -5.37 14.84 8.70
CA PRO A 286 -4.19 15.56 9.18
C PRO A 286 -3.31 14.75 10.14
N CYS A 287 -2.01 14.96 10.03
CA CYS A 287 -1.05 14.27 10.86
C CYS A 287 -0.92 14.93 12.23
N HIS A 288 -1.02 14.14 13.28
CA HIS A 288 -0.89 14.67 14.64
C HIS A 288 0.50 15.18 14.94
N GLN A 289 1.50 14.71 14.20
CA GLN A 289 2.88 15.14 14.40
C GLN A 289 3.37 16.01 13.26
N ILE A 290 2.48 16.80 12.68
CA ILE A 290 2.91 17.64 11.56
C ILE A 290 4.02 18.62 11.90
N ASP A 291 4.03 19.14 13.12
CA ASP A 291 5.07 20.10 13.49
C ASP A 291 6.49 19.56 13.48
N LEU A 292 6.62 18.26 13.61
CA LEU A 292 7.92 17.60 13.57
C LEU A 292 8.51 17.87 12.18
N PHE A 293 7.66 17.79 11.15
CA PHE A 293 8.09 17.99 9.78
C PHE A 293 8.25 19.47 9.46
N LYS A 294 7.37 20.32 9.98
CA LYS A 294 7.49 21.77 9.74
C LYS A 294 8.79 22.26 10.34
N LYS A 295 9.17 21.71 11.49
CA LYS A 295 10.42 22.09 12.15
C LYS A 295 11.66 21.60 11.36
N ALA A 296 11.50 20.54 10.59
CA ALA A 296 12.60 20.00 9.78
C ALA A 296 12.72 20.79 8.47
N GLY A 297 11.82 21.76 8.28
CA GLY A 297 11.85 22.58 7.08
C GLY A 297 11.28 21.87 5.87
N TRP A 298 10.35 20.95 6.12
CA TRP A 298 9.71 20.21 5.05
C TRP A 298 8.52 21.00 4.52
N THR A 299 8.25 20.81 3.23
CA THR A 299 7.14 21.45 2.51
C THR A 299 5.93 20.51 2.51
N ILE A 300 4.88 20.89 3.24
CA ILE A 300 3.67 20.08 3.29
C ILE A 300 2.64 20.65 2.31
N ILE A 301 2.29 19.85 1.30
CA ILE A 301 1.33 20.23 0.24
C ILE A 301 0.01 19.50 0.44
N THR A 302 -1.12 20.21 0.41
CA THR A 302 -2.42 19.52 0.52
C THR A 302 -3.03 19.50 -0.88
N PRO A 303 -3.17 18.31 -1.47
CA PRO A 303 -3.74 18.22 -2.82
C PRO A 303 -5.20 18.61 -2.89
N PRO A 304 -5.69 18.92 -4.10
CA PRO A 304 -7.09 19.30 -4.27
C PRO A 304 -7.88 18.02 -4.13
N THR A 305 -9.20 18.12 -3.97
CA THR A 305 -10.03 16.94 -3.83
C THR A 305 -10.20 16.11 -5.11
N PRO A 306 -10.40 14.79 -4.96
CA PRO A 306 -10.57 13.90 -6.11
C PRO A 306 -11.84 14.23 -6.86
N ILE A 307 -11.88 13.94 -8.15
CA ILE A 307 -13.08 14.22 -8.93
C ILE A 307 -13.75 12.93 -9.40
N ILE A 308 -13.31 11.79 -8.86
CA ILE A 308 -13.86 10.50 -9.26
C ILE A 308 -15.33 10.44 -8.82
N PRO A 309 -16.21 10.00 -9.72
CA PRO A 309 -17.65 9.87 -9.50
C PRO A 309 -17.96 8.98 -8.33
N ASP A 310 -19.00 9.36 -7.59
CA ASP A 310 -19.43 8.58 -6.43
C ASP A 310 -20.07 7.28 -6.86
N ASP A 311 -20.55 7.21 -8.09
CA ASP A 311 -21.17 5.98 -8.58
C ASP A 311 -20.17 4.92 -9.05
N HIS A 312 -18.88 5.27 -9.13
CA HIS A 312 -17.88 4.30 -9.55
C HIS A 312 -17.46 3.49 -8.32
N PRO A 313 -17.54 2.15 -8.41
CA PRO A 313 -17.18 1.24 -7.31
C PRO A 313 -15.72 1.23 -6.92
N LEU A 314 -15.48 1.56 -5.65
CA LEU A 314 -14.16 1.53 -5.05
C LEU A 314 -14.40 0.55 -3.90
N TRP A 315 -14.31 -0.75 -4.19
CA TRP A 315 -14.57 -1.80 -3.22
C TRP A 315 -13.64 -1.84 -2.02
N MET A 316 -12.40 -1.40 -2.21
CA MET A 316 -11.39 -1.48 -1.17
C MET A 316 -10.79 -0.21 -0.58
N SER A 317 -11.17 0.98 -1.02
CA SER A 317 -10.53 2.16 -0.42
C SER A 317 -11.41 3.39 -0.47
N SER A 318 -10.78 4.56 -0.46
CA SER A 318 -11.48 5.84 -0.54
C SER A 318 -11.18 6.47 -1.88
N LYS A 319 -11.76 7.64 -2.12
CA LYS A 319 -11.55 8.37 -3.36
C LYS A 319 -10.16 8.94 -3.42
N TRP A 320 -9.48 8.97 -2.28
CA TRP A 320 -8.15 9.55 -2.21
C TRP A 320 -7.01 8.86 -2.95
N LEU A 321 -7.34 7.92 -3.82
CA LEU A 321 -6.34 7.23 -4.60
C LEU A 321 -5.65 8.23 -5.51
N SER A 322 -6.29 9.38 -5.70
CA SER A 322 -5.75 10.44 -6.54
C SER A 322 -4.36 10.90 -6.10
N MET A 323 -4.10 10.91 -4.80
CA MET A 323 -2.79 11.35 -4.31
C MET A 323 -1.83 10.19 -4.11
N ASN A 324 -2.26 9.01 -4.50
CA ASN A 324 -1.45 7.80 -4.41
C ASN A 324 -0.57 7.69 -5.65
N VAL A 325 0.13 8.77 -5.96
CA VAL A 325 1.00 8.86 -7.13
C VAL A 325 2.32 8.12 -6.95
N LEU A 326 3.01 7.89 -8.06
CA LEU A 326 4.29 7.22 -8.04
C LEU A 326 5.28 8.17 -8.71
N MET A 327 6.42 8.42 -8.07
CA MET A 327 7.44 9.30 -8.65
C MET A 327 8.44 8.49 -9.45
N LEU A 328 8.62 8.88 -10.71
CA LEU A 328 9.58 8.20 -11.57
C LEU A 328 10.94 8.81 -11.23
N ASP A 329 10.88 10.07 -10.81
CA ASP A 329 12.05 10.81 -10.33
C ASP A 329 11.49 12.07 -9.68
N GLU A 330 12.33 12.91 -9.09
CA GLU A 330 11.84 14.11 -8.43
C GLU A 330 10.93 15.01 -9.26
N LYS A 331 11.19 15.08 -10.57
CA LYS A 331 10.42 15.93 -11.47
C LYS A 331 9.44 15.25 -12.41
N ARG A 332 9.21 13.94 -12.23
CA ARG A 332 8.27 13.19 -13.08
C ARG A 332 7.39 12.38 -12.17
N VAL A 333 6.09 12.56 -12.30
CA VAL A 333 5.13 11.84 -11.50
C VAL A 333 4.09 11.14 -12.42
N MET A 334 3.80 9.88 -12.13
CA MET A 334 2.77 9.16 -12.87
C MET A 334 1.50 9.46 -12.07
N VAL A 335 0.55 10.11 -12.73
CA VAL A 335 -0.68 10.56 -12.10
C VAL A 335 -1.89 10.12 -12.90
N ASP A 336 -3.05 10.04 -12.26
CA ASP A 336 -4.26 9.60 -12.96
C ASP A 336 -4.74 10.60 -14.01
N ALA A 337 -5.00 10.08 -15.21
CA ALA A 337 -5.46 10.86 -16.34
C ALA A 337 -6.70 11.69 -16.08
N ASN A 338 -7.63 11.13 -15.31
CA ASN A 338 -8.89 11.79 -14.99
C ASN A 338 -8.81 12.86 -13.91
N GLU A 339 -7.80 12.83 -13.07
CA GLU A 339 -7.71 13.79 -11.96
C GLU A 339 -6.99 15.07 -12.33
N VAL A 340 -7.61 15.87 -13.17
CA VAL A 340 -7.01 17.12 -13.65
C VAL A 340 -6.52 18.10 -12.60
N PRO A 341 -7.34 18.38 -11.57
CA PRO A 341 -6.95 19.32 -10.51
C PRO A 341 -5.61 18.99 -9.88
N ILE A 342 -5.36 17.72 -9.56
CA ILE A 342 -4.08 17.37 -8.97
C ILE A 342 -2.97 17.38 -10.02
N GLN A 343 -3.34 17.20 -11.29
CA GLN A 343 -2.34 17.27 -12.37
C GLN A 343 -1.82 18.70 -12.40
N LYS A 344 -2.76 19.65 -12.38
CA LYS A 344 -2.43 21.07 -12.40
C LYS A 344 -1.50 21.45 -11.27
N MET A 345 -1.78 20.94 -10.07
CA MET A 345 -0.95 21.19 -8.91
C MET A 345 0.51 20.80 -9.14
N PHE A 346 0.74 19.61 -9.70
CA PHE A 346 2.11 19.18 -9.94
C PHE A 346 2.76 20.05 -10.97
N GLU A 347 2.01 20.39 -12.00
CA GLU A 347 2.52 21.23 -13.07
C GLU A 347 2.95 22.63 -12.60
N LYS A 348 2.17 23.25 -11.72
CA LYS A 348 2.57 24.56 -11.19
C LYS A 348 3.83 24.43 -10.34
N LEU A 349 4.11 23.20 -9.89
CA LEU A 349 5.32 22.92 -9.10
C LEU A 349 6.50 22.51 -9.99
N GLY A 350 6.29 22.54 -11.30
CA GLY A 350 7.36 22.17 -12.20
C GLY A 350 7.64 20.67 -12.29
N ILE A 351 6.65 19.86 -11.95
CA ILE A 351 6.80 18.43 -12.00
C ILE A 351 6.04 17.93 -13.22
N THR A 352 6.74 17.26 -14.12
CA THR A 352 6.12 16.73 -15.32
C THR A 352 5.14 15.60 -15.00
N THR A 353 3.91 15.70 -15.53
CA THR A 353 2.89 14.70 -15.29
C THR A 353 2.75 13.65 -16.40
N ILE A 354 2.88 12.38 -16.03
CA ILE A 354 2.72 11.27 -16.97
C ILE A 354 1.34 10.73 -16.61
N LYS A 355 0.37 11.04 -17.46
CA LYS A 355 -1.02 10.68 -17.22
C LYS A 355 -1.38 9.31 -17.74
N VAL A 356 -1.91 8.49 -16.85
CA VAL A 356 -2.31 7.12 -17.17
C VAL A 356 -3.69 6.93 -16.57
N ASN A 357 -4.58 6.26 -17.29
CA ASN A 357 -5.92 6.04 -16.76
C ASN A 357 -6.03 4.68 -16.10
N ILE A 358 -6.32 4.66 -14.80
CA ILE A 358 -6.46 3.39 -14.10
C ILE A 358 -7.71 3.38 -13.26
N ARG A 359 -8.74 4.03 -13.80
CA ARG A 359 -10.05 4.14 -13.17
C ARG A 359 -10.62 2.80 -12.72
N ASN A 360 -10.57 1.78 -13.57
CA ASN A 360 -11.10 0.48 -13.20
C ASN A 360 -10.19 -0.32 -12.26
N ALA A 361 -8.88 -0.12 -12.39
CA ALA A 361 -7.91 -0.78 -11.54
C ALA A 361 -8.11 -0.21 -10.11
N ASN A 362 -8.49 1.07 -10.03
CA ASN A 362 -8.74 1.74 -8.75
C ASN A 362 -9.75 0.96 -7.90
N SER A 363 -10.69 0.31 -8.56
CA SER A 363 -11.73 -0.42 -7.85
C SER A 363 -11.18 -1.53 -6.97
N LEU A 364 -10.02 -2.06 -7.34
CA LEU A 364 -9.40 -3.13 -6.59
C LEU A 364 -8.74 -2.62 -5.31
N GLY A 365 -8.67 -1.30 -5.16
CA GLY A 365 -8.12 -0.70 -3.97
C GLY A 365 -6.83 0.08 -4.05
N GLY A 366 -6.34 0.38 -5.24
CA GLY A 366 -5.10 1.12 -5.29
C GLY A 366 -4.86 2.02 -6.48
N GLY A 367 -3.92 2.95 -6.29
CA GLY A 367 -3.53 3.86 -7.35
C GLY A 367 -2.15 3.42 -7.81
N PHE A 368 -1.34 4.34 -8.29
CA PHE A 368 -0.03 3.98 -8.79
C PHE A 368 0.97 3.46 -7.76
N HIS A 369 1.01 4.10 -6.61
CA HIS A 369 1.94 3.69 -5.58
C HIS A 369 1.60 2.27 -5.05
N CYS A 370 0.32 1.98 -4.90
CA CYS A 370 -0.11 0.67 -4.42
C CYS A 370 0.13 -0.44 -5.42
N TRP A 371 -0.08 -0.16 -6.70
CA TRP A 371 0.06 -1.17 -7.76
C TRP A 371 1.50 -1.52 -8.10
N THR A 372 2.45 -0.86 -7.45
CA THR A 372 3.85 -1.09 -7.75
C THR A 372 4.72 -1.29 -6.51
N CYS A 373 5.94 -1.70 -6.78
CA CYS A 373 6.95 -1.82 -5.75
C CYS A 373 8.24 -1.48 -6.46
N ASP A 374 8.81 -0.33 -6.13
CA ASP A 374 10.05 0.10 -6.69
C ASP A 374 11.16 -0.80 -6.13
N VAL A 375 11.88 -1.45 -7.02
CA VAL A 375 12.96 -2.37 -6.70
C VAL A 375 14.32 -1.69 -6.74
N ARG A 376 14.53 -0.82 -7.73
CA ARG A 376 15.81 -0.11 -7.87
C ARG A 376 15.59 1.32 -8.34
N ARG A 377 16.11 2.25 -7.55
CA ARG A 377 16.06 3.70 -7.80
C ARG A 377 17.51 4.14 -7.72
N ARG A 378 17.97 4.90 -8.69
CA ARG A 378 19.36 5.33 -8.68
C ARG A 378 19.58 6.41 -7.63
N GLY A 379 20.34 6.07 -6.59
CA GLY A 379 20.61 7.02 -5.51
C GLY A 379 21.32 6.41 -4.30
N THR A 380 21.58 7.25 -3.30
CA THR A 380 22.27 6.81 -2.09
C THR A 380 21.44 6.99 -0.82
N LEU A 381 21.91 6.39 0.28
CA LEU A 381 21.24 6.47 1.55
C LEU A 381 21.50 7.83 2.18
N GLN A 382 20.46 8.59 2.47
CA GLN A 382 20.66 9.91 3.07
C GLN A 382 19.63 10.19 4.15
N SER A 383 19.84 11.28 4.86
CA SER A 383 18.91 11.71 5.89
C SER A 383 18.29 13.00 5.34
N TYR A 384 16.98 13.17 5.51
CA TYR A 384 16.26 14.34 5.01
C TYR A 384 15.55 15.03 6.16
N LEU A 385 15.74 14.51 7.36
CA LEU A 385 15.11 15.07 8.53
C LEU A 385 16.25 15.74 9.31
N ASP A 386 17.28 16.17 8.57
CA ASP A 386 18.48 16.81 9.10
C ASP A 386 19.47 15.79 9.67
#